data_5UD8
#
_entry.id   5UD8
#
_cell.length_a   23.790
_cell.length_b   62.530
_cell.length_c   125.270
_cell.angle_alpha   90.000
_cell.angle_beta   90.000
_cell.angle_gamma   90.000
#
_symmetry.space_group_name_H-M   'P 2 21 21'
#
loop_
_entity.id
_entity.type
_entity.pdbx_description
1 polymer 'Triggering receptor expressed on myeloid cells 2'
2 water water
#
_entity_poly.entity_id   1
_entity_poly.type   'polypeptide(L)'
_entity_poly.pdbx_seq_one_letter_code
;HNTTVFQGVAGQSLQVSCPYDSMKHWGRHKAWCRQLGEKGPCQRVVSTHNLWLLSFLRRWNGSTAITDDTLGGTLTITLR
NLQPHDAGLYQCQSLHGSEADTLRKVLVEVLA
;
_entity_poly.pdbx_strand_id   A,B
#
# COMPACT_ATOMS: atom_id res chain seq x y z
N HIS A 1 0.43 -15.17 -23.30
CA HIS A 1 0.83 -14.10 -22.39
C HIS A 1 2.27 -14.33 -21.91
N ASN A 2 2.84 -13.34 -21.24
CA ASN A 2 4.22 -13.47 -20.76
C ASN A 2 4.28 -13.66 -19.25
N THR A 3 5.49 -13.91 -18.74
CA THR A 3 5.65 -13.89 -17.30
C THR A 3 6.72 -12.90 -16.90
N THR A 4 6.40 -12.04 -15.94
CA THR A 4 7.44 -11.14 -15.46
C THR A 4 7.72 -11.38 -14.00
N VAL A 5 8.97 -11.12 -13.63
CA VAL A 5 9.46 -11.40 -12.30
C VAL A 5 9.39 -10.13 -11.47
N PHE A 6 8.75 -10.24 -10.31
CA PHE A 6 8.77 -9.20 -9.30
C PHE A 6 9.51 -9.73 -8.07
N GLN A 7 10.63 -9.08 -7.76
CA GLN A 7 11.53 -9.52 -6.69
C GLN A 7 11.24 -8.75 -5.39
N GLY A 8 10.94 -9.47 -4.32
CA GLY A 8 10.64 -8.84 -3.05
C GLY A 8 11.59 -9.29 -1.96
N VAL A 9 11.44 -8.72 -0.76
CA VAL A 9 12.27 -9.08 0.39
C VAL A 9 11.37 -9.56 1.53
N ALA A 10 11.76 -10.66 2.17
CA ALA A 10 10.98 -11.23 3.26
C ALA A 10 10.63 -10.18 4.31
N GLY A 11 9.34 -10.11 4.67
CA GLY A 11 8.85 -9.17 5.67
C GLY A 11 8.52 -7.79 5.15
N GLN A 12 8.81 -7.56 3.86
CA GLN A 12 8.52 -6.28 3.22
C GLN A 12 7.33 -6.43 2.28
N SER A 13 6.91 -5.34 1.66
CA SER A 13 5.81 -5.41 0.71
C SER A 13 6.33 -5.55 -0.72
N LEU A 14 5.46 -6.01 -1.63
CA LEU A 14 5.88 -6.19 -3.03
C LEU A 14 4.73 -5.80 -3.94
N GLN A 15 4.98 -4.83 -4.82
CA GLN A 15 3.93 -4.38 -5.74
C GLN A 15 4.04 -5.07 -7.09
N VAL A 16 2.93 -5.64 -7.55
CA VAL A 16 2.86 -6.35 -8.84
C VAL A 16 1.89 -5.59 -9.73
N SER A 17 2.27 -5.31 -10.97
CA SER A 17 1.37 -4.65 -11.90
C SER A 17 1.02 -5.53 -13.09
N CYS A 18 -0.27 -5.54 -13.45
CA CYS A 18 -0.77 -6.28 -14.60
C CYS A 18 -1.64 -5.38 -15.47
N PRO A 19 -1.03 -4.74 -16.48
CA PRO A 19 -1.82 -3.95 -17.45
C PRO A 19 -2.73 -4.87 -18.25
N TYR A 20 -3.83 -4.33 -18.77
CA TYR A 20 -4.73 -5.11 -19.60
C TYR A 20 -5.57 -4.23 -20.53
N ASP A 21 -6.22 -4.88 -21.48
CA ASP A 21 -7.07 -4.21 -22.47
C ASP A 21 -8.33 -3.71 -21.78
N SER A 22 -8.43 -2.40 -21.61
CA SER A 22 -9.50 -1.82 -20.80
C SER A 22 -10.86 -1.96 -21.44
N MET A 23 -10.90 -2.17 -22.76
CA MET A 23 -12.17 -2.31 -23.44
C MET A 23 -12.61 -3.77 -23.46
N LYS A 24 -11.67 -4.66 -23.76
CA LYS A 24 -11.99 -6.09 -23.78
C LYS A 24 -12.51 -6.57 -22.42
N HIS A 25 -11.93 -6.05 -21.33
CA HIS A 25 -12.22 -6.55 -20.00
C HIS A 25 -13.14 -5.64 -19.16
N TRP A 26 -13.80 -4.70 -19.83
CA TRP A 26 -14.64 -3.76 -19.13
C TRP A 26 -15.79 -4.50 -18.46
N GLY A 27 -16.05 -4.15 -17.21
CA GLY A 27 -17.15 -4.75 -16.48
C GLY A 27 -16.79 -6.05 -15.78
N ARG A 28 -15.56 -6.53 -15.97
CA ARG A 28 -15.13 -7.82 -15.38
C ARG A 28 -14.33 -7.67 -14.08
N HIS A 29 -14.65 -8.50 -13.08
CA HIS A 29 -13.83 -8.55 -11.87
C HIS A 29 -12.50 -9.22 -12.20
N LYS A 30 -11.47 -8.95 -11.40
CA LYS A 30 -10.16 -9.57 -11.59
C LYS A 30 -9.79 -10.43 -10.40
N ALA A 31 -8.85 -11.34 -10.61
CA ALA A 31 -8.35 -12.19 -9.55
C ALA A 31 -6.83 -12.30 -9.59
N TRP A 32 -6.25 -12.56 -8.42
CA TRP A 32 -4.84 -12.88 -8.27
C TRP A 32 -4.83 -14.28 -7.68
N CYS A 33 -4.18 -15.21 -8.37
CA CYS A 33 -4.19 -16.59 -7.87
C CYS A 33 -2.83 -17.25 -8.00
N ARG A 34 -2.60 -18.25 -7.15
CA ARG A 34 -1.35 -19.01 -7.15
C ARG A 34 -1.47 -20.24 -8.05
N GLN A 35 -0.56 -20.37 -9.01
CA GLN A 35 -0.61 -21.46 -9.96
C GLN A 35 -0.12 -22.73 -9.28
N LEU A 36 -0.87 -23.82 -9.42
CA LEU A 36 -0.48 -25.09 -8.81
C LEU A 36 -0.01 -26.08 -9.89
N GLY A 37 1.30 -26.13 -10.12
CA GLY A 37 1.86 -26.89 -11.24
C GLY A 37 1.59 -26.10 -12.52
N GLU A 38 2.22 -26.47 -13.64
CA GLU A 38 2.00 -25.64 -14.83
C GLU A 38 0.65 -25.88 -15.52
N LYS A 39 -0.03 -26.97 -15.20
CA LYS A 39 -1.34 -27.24 -15.81
C LYS A 39 -2.46 -27.50 -14.81
N GLY A 40 -2.16 -27.33 -13.53
CA GLY A 40 -3.15 -27.47 -12.50
C GLY A 40 -3.94 -26.19 -12.32
N PRO A 41 -4.83 -26.16 -11.33
CA PRO A 41 -5.70 -24.99 -11.16
C PRO A 41 -4.91 -23.78 -10.64
N CYS A 42 -5.53 -22.61 -10.72
CA CYS A 42 -4.96 -21.41 -10.12
C CYS A 42 -5.76 -21.14 -8.86
N GLN A 43 -5.10 -21.20 -7.72
CA GLN A 43 -5.80 -21.16 -6.43
C GLN A 43 -5.95 -19.73 -5.94
N ARG A 44 -7.19 -19.32 -5.67
CA ARG A 44 -7.45 -17.93 -5.34
C ARG A 44 -6.64 -17.38 -4.16
N VAL A 45 -6.09 -16.19 -4.35
CA VAL A 45 -5.50 -15.42 -3.25
C VAL A 45 -6.42 -14.24 -2.86
N VAL A 46 -6.66 -13.33 -3.83
CA VAL A 46 -7.61 -12.22 -3.63
C VAL A 46 -8.31 -11.89 -4.96
N SER A 47 -9.49 -11.25 -4.89
CA SER A 47 -10.16 -10.78 -6.09
C SER A 47 -10.72 -9.37 -5.85
N THR A 48 -11.32 -8.77 -6.88
CA THR A 48 -11.81 -7.39 -6.76
C THR A 48 -13.26 -7.31 -6.26
N HIS A 49 -13.86 -8.45 -5.97
CA HIS A 49 -15.22 -8.46 -5.41
C HIS A 49 -15.28 -7.76 -4.05
N ASN A 50 -16.35 -6.98 -3.85
CA ASN A 50 -16.61 -6.32 -2.57
C ASN A 50 -15.57 -5.29 -2.12
N LEU A 51 -14.75 -4.79 -3.04
CA LEU A 51 -13.70 -3.81 -2.69
C LEU A 51 -14.29 -2.55 -2.05
N TRP A 52 -15.48 -2.16 -2.49
CA TRP A 52 -16.13 -0.97 -1.96
C TRP A 52 -16.41 -1.13 -0.46
N LEU A 53 -17.15 -2.18 -0.11
CA LEU A 53 -17.43 -2.49 1.28
C LEU A 53 -16.14 -2.64 2.09
N LEU A 54 -15.16 -3.30 1.50
CA LEU A 54 -13.89 -3.54 2.19
C LEU A 54 -13.10 -2.24 2.42
N SER A 55 -13.48 -1.16 1.72
CA SER A 55 -12.94 0.17 2.01
C SER A 55 -13.17 0.52 3.47
N PHE A 56 -14.42 0.40 3.92
CA PHE A 56 -14.72 0.75 5.29
C PHE A 56 -14.13 -0.22 6.30
N LEU A 57 -14.32 -1.51 6.06
CA LEU A 57 -13.88 -2.56 6.99
C LEU A 57 -12.37 -2.52 7.25
N THR A 64 -2.94 -9.40 1.36
CA THR A 64 -2.72 -8.91 0.01
C THR A 64 -3.77 -7.87 -0.35
N ALA A 65 -3.34 -6.73 -0.88
CA ALA A 65 -4.25 -5.69 -1.34
C ALA A 65 -4.38 -5.75 -2.86
N ILE A 66 -5.53 -5.34 -3.38
CA ILE A 66 -5.72 -5.38 -4.82
C ILE A 66 -6.50 -4.13 -5.24
N THR A 67 -5.97 -3.42 -6.24
CA THR A 67 -6.62 -2.23 -6.78
C THR A 67 -6.70 -2.36 -8.29
N ASP A 68 -7.85 -1.99 -8.84
CA ASP A 68 -8.09 -2.16 -10.27
C ASP A 68 -8.47 -0.81 -10.87
N ASP A 69 -7.60 -0.27 -11.72
CA ASP A 69 -7.92 0.90 -12.51
C ASP A 69 -8.55 0.41 -13.81
N THR A 70 -9.87 0.44 -13.86
CA THR A 70 -10.58 -0.16 -14.99
C THR A 70 -10.58 0.78 -16.18
N LEU A 71 -10.44 2.08 -15.92
CA LEU A 71 -10.44 3.06 -17.00
C LEU A 71 -9.10 3.08 -17.73
N GLY A 72 -8.01 2.95 -16.96
CA GLY A 72 -6.67 2.91 -17.52
C GLY A 72 -6.21 1.52 -17.89
N GLY A 73 -6.91 0.50 -17.42
CA GLY A 73 -6.51 -0.88 -17.66
C GLY A 73 -5.24 -1.30 -16.92
N THR A 74 -5.23 -1.13 -15.61
CA THR A 74 -4.10 -1.60 -14.81
C THR A 74 -4.59 -2.21 -13.52
N LEU A 75 -4.22 -3.46 -13.28
CA LEU A 75 -4.51 -4.13 -12.03
C LEU A 75 -3.23 -4.10 -11.19
N THR A 76 -3.34 -3.66 -9.95
CA THR A 76 -2.18 -3.61 -9.06
C THR A 76 -2.43 -4.48 -7.84
N ILE A 77 -1.48 -5.36 -7.54
CA ILE A 77 -1.55 -6.20 -6.37
C ILE A 77 -0.39 -5.86 -5.44
N THR A 78 -0.69 -5.65 -4.16
CA THR A 78 0.37 -5.39 -3.20
C THR A 78 0.39 -6.50 -2.18
N LEU A 79 1.47 -7.29 -2.23
CA LEU A 79 1.67 -8.34 -1.24
C LEU A 79 2.30 -7.69 -0.03
N ARG A 80 1.79 -8.02 1.16
CA ARG A 80 2.33 -7.40 2.36
C ARG A 80 2.95 -8.44 3.28
N ASN A 81 4.01 -8.05 3.98
CA ASN A 81 4.72 -8.94 4.89
C ASN A 81 5.05 -10.25 4.19
N LEU A 82 5.86 -10.12 3.14
CA LEU A 82 6.22 -11.23 2.27
C LEU A 82 6.86 -12.36 3.06
N GLN A 83 6.38 -13.58 2.84
CA GLN A 83 6.92 -14.77 3.49
C GLN A 83 7.57 -15.64 2.43
N PRO A 84 8.56 -16.47 2.79
CA PRO A 84 9.16 -17.34 1.77
C PRO A 84 8.12 -18.19 1.05
N HIS A 85 7.08 -18.66 1.74
CA HIS A 85 6.06 -19.44 1.04
C HIS A 85 5.20 -18.63 0.07
N ASP A 86 5.37 -17.30 0.05
CA ASP A 86 4.68 -16.47 -0.95
C ASP A 86 5.37 -16.53 -2.29
N ALA A 87 6.61 -17.02 -2.30
CA ALA A 87 7.37 -17.15 -3.54
C ALA A 87 6.65 -18.11 -4.48
N GLY A 88 6.83 -17.91 -5.78
CA GLY A 88 6.24 -18.82 -6.76
C GLY A 88 5.53 -18.11 -7.89
N LEU A 89 4.79 -18.90 -8.68
CA LEU A 89 4.14 -18.41 -9.90
C LEU A 89 2.68 -18.09 -9.59
N TYR A 90 2.22 -16.97 -10.12
CA TYR A 90 0.86 -16.51 -9.91
C TYR A 90 0.29 -16.07 -11.25
N GLN A 91 -1.04 -15.94 -11.32
CA GLN A 91 -1.66 -15.30 -12.47
C GLN A 91 -2.47 -14.11 -12.04
N CYS A 92 -2.45 -13.06 -12.86
CA CYS A 92 -3.50 -12.05 -12.86
C CYS A 92 -4.56 -12.52 -13.84
N GLN A 93 -5.83 -12.51 -13.41
CA GLN A 93 -6.91 -13.06 -14.20
C GLN A 93 -8.06 -12.08 -14.35
N SER A 94 -8.74 -12.16 -15.49
CA SER A 94 -10.00 -11.44 -15.70
C SER A 94 -11.12 -12.45 -15.72
N LEU A 95 -12.16 -12.21 -14.91
CA LEU A 95 -13.22 -13.21 -14.69
C LEU A 95 -14.48 -12.86 -15.48
N HIS A 96 -15.09 -13.86 -16.09
CA HIS A 96 -16.37 -13.65 -16.78
C HIS A 96 -17.13 -14.97 -16.85
N GLY A 97 -18.34 -14.98 -16.31
CA GLY A 97 -19.09 -16.22 -16.19
C GLY A 97 -18.33 -17.24 -15.35
N SER A 98 -18.10 -18.41 -15.92
CA SER A 98 -17.40 -19.48 -15.21
C SER A 98 -15.95 -19.55 -15.64
N GLU A 99 -15.51 -18.60 -16.46
CA GLU A 99 -14.17 -18.65 -17.02
C GLU A 99 -13.26 -17.57 -16.47
N ALA A 100 -11.96 -17.71 -16.74
CA ALA A 100 -10.97 -16.74 -16.31
C ALA A 100 -9.96 -16.59 -17.43
N ASP A 101 -9.77 -15.37 -17.93
CA ASP A 101 -8.72 -15.13 -18.90
C ASP A 101 -7.44 -14.76 -18.16
N THR A 102 -6.33 -15.39 -18.53
CA THR A 102 -5.05 -15.04 -17.93
C THR A 102 -4.49 -13.75 -18.52
N LEU A 103 -4.29 -12.73 -17.69
CA LEU A 103 -3.76 -11.44 -18.14
C LEU A 103 -2.25 -11.44 -18.19
N ARG A 104 -1.65 -12.24 -17.32
CA ARG A 104 -0.21 -12.23 -17.13
C ARG A 104 0.13 -13.34 -16.15
N LYS A 105 1.33 -13.90 -16.29
CA LYS A 105 1.88 -14.75 -15.25
C LYS A 105 2.91 -13.93 -14.50
N VAL A 106 3.02 -14.14 -13.20
CA VAL A 106 3.99 -13.37 -12.41
C VAL A 106 4.78 -14.32 -11.53
N LEU A 107 6.10 -14.21 -11.59
CA LEU A 107 6.93 -14.99 -10.71
C LEU A 107 7.34 -14.08 -9.56
N VAL A 108 6.92 -14.45 -8.36
CA VAL A 108 7.28 -13.71 -7.17
C VAL A 108 8.52 -14.35 -6.58
N GLU A 109 9.57 -13.56 -6.41
CA GLU A 109 10.79 -14.02 -5.75
C GLU A 109 10.86 -13.36 -4.38
N VAL A 110 11.25 -14.12 -3.37
CA VAL A 110 11.39 -13.58 -2.02
C VAL A 110 12.82 -13.78 -1.53
N LEU A 111 13.53 -12.69 -1.26
CA LEU A 111 14.92 -12.76 -0.78
C LEU A 111 14.98 -12.77 0.74
N ALA A 112 15.92 -13.54 1.29
CA ALA A 112 16.12 -13.62 2.72
C ALA A 112 17.56 -13.98 3.06
N HIS B 1 9.85 12.71 23.22
CA HIS B 1 9.40 11.73 22.24
C HIS B 1 10.51 10.74 21.95
N ASN B 2 10.15 9.49 21.65
CA ASN B 2 11.15 8.56 21.12
C ASN B 2 11.12 8.67 19.62
N THR B 3 12.13 8.15 18.93
CA THR B 3 12.02 8.13 17.47
C THR B 3 11.74 6.70 17.00
N THR B 4 10.53 6.49 16.48
CA THR B 4 10.09 5.17 16.07
C THR B 4 10.62 4.86 14.68
N VAL B 5 11.24 3.70 14.52
CA VAL B 5 11.92 3.37 13.25
C VAL B 5 11.04 2.52 12.35
N PHE B 6 10.86 2.95 11.11
CA PHE B 6 10.22 2.13 10.10
C PHE B 6 11.18 1.90 8.95
N GLN B 7 11.50 0.63 8.68
CA GLN B 7 12.45 0.28 7.63
C GLN B 7 11.68 -0.26 6.44
N GLY B 8 11.96 0.27 5.25
CA GLY B 8 11.31 -0.23 4.05
C GLY B 8 12.34 -0.37 2.96
N VAL B 9 12.07 -1.25 2.00
CA VAL B 9 12.98 -1.47 0.87
C VAL B 9 12.70 -0.49 -0.26
N ALA B 10 13.76 -0.04 -0.93
CA ALA B 10 13.60 0.90 -2.03
C ALA B 10 12.71 0.29 -3.10
N GLY B 11 11.79 1.10 -3.62
CA GLY B 11 10.92 0.65 -4.71
C GLY B 11 9.56 0.12 -4.31
N GLN B 12 9.34 -0.04 -3.02
CA GLN B 12 8.08 -0.61 -2.52
C GLN B 12 7.37 0.31 -1.52
N SER B 13 6.12 -0.03 -1.19
CA SER B 13 5.32 0.75 -0.24
C SER B 13 5.70 0.48 1.20
N LEU B 14 5.94 1.55 1.96
CA LEU B 14 6.21 1.45 3.39
C LEU B 14 5.06 2.06 4.16
N GLN B 15 4.46 1.32 5.07
CA GLN B 15 3.40 1.87 5.91
C GLN B 15 3.94 2.28 7.28
N VAL B 16 3.63 3.51 7.68
CA VAL B 16 4.06 4.07 8.95
C VAL B 16 2.79 4.26 9.81
N SER B 17 2.81 3.74 11.04
CA SER B 17 1.66 3.81 11.95
C SER B 17 1.88 4.84 13.03
N CYS B 18 0.87 5.68 13.26
CA CYS B 18 0.90 6.67 14.34
C CYS B 18 -0.37 6.59 15.19
N PRO B 19 -0.33 5.79 16.26
CA PRO B 19 -1.49 5.72 17.16
C PRO B 19 -1.65 7.01 17.93
N TYR B 20 -2.87 7.33 18.33
CA TYR B 20 -3.12 8.54 19.10
C TYR B 20 -4.39 8.43 19.93
N ASP B 21 -4.53 9.36 20.87
CA ASP B 21 -5.68 9.41 21.77
C ASP B 21 -6.91 9.79 20.96
N SER B 22 -7.84 8.84 20.79
CA SER B 22 -8.97 9.02 19.88
C SER B 22 -9.99 10.04 20.38
N MET B 23 -9.94 10.35 21.67
CA MET B 23 -10.90 11.29 22.23
C MET B 23 -10.31 12.69 22.24
N LYS B 24 -9.07 12.79 22.70
CA LYS B 24 -8.35 14.05 22.74
C LYS B 24 -8.31 14.73 21.36
N HIS B 25 -8.16 13.93 20.31
CA HIS B 25 -7.93 14.47 18.97
C HIS B 25 -9.15 14.32 18.04
N TRP B 26 -10.29 13.98 18.60
CA TRP B 26 -11.54 13.93 17.84
C TRP B 26 -11.84 15.26 17.17
N GLY B 27 -12.13 15.21 15.87
CA GLY B 27 -12.48 16.42 15.13
C GLY B 27 -11.29 17.13 14.52
N ARG B 28 -10.08 16.66 14.80
CA ARG B 28 -8.87 17.33 14.33
C ARG B 28 -8.24 16.68 13.10
N HIS B 29 -7.82 17.51 12.14
CA HIS B 29 -7.07 17.01 11.00
C HIS B 29 -5.67 16.60 11.44
N LYS B 30 -5.05 15.73 10.64
CA LYS B 30 -3.68 15.27 10.88
C LYS B 30 -2.75 15.67 9.74
N ALA B 31 -1.46 15.70 10.03
CA ALA B 31 -0.48 15.99 9.00
C ALA B 31 0.73 15.08 9.14
N TRP B 32 1.43 14.87 8.03
CA TRP B 32 2.70 14.15 7.97
C TRP B 32 3.67 15.18 7.41
N CYS B 33 4.76 15.42 8.12
CA CYS B 33 5.73 16.43 7.70
C CYS B 33 7.15 15.94 7.87
N ARG B 34 8.05 16.44 7.03
CA ARG B 34 9.45 16.06 7.11
C ARG B 34 10.24 17.08 7.91
N GLN B 35 11.03 16.59 8.87
CA GLN B 35 11.84 17.46 9.72
C GLN B 35 13.07 17.94 9.00
N LEU B 36 13.35 19.23 9.10
CA LEU B 36 14.61 19.78 8.62
C LEU B 36 15.67 19.63 9.71
N GLY B 37 16.28 18.46 9.78
CA GLY B 37 17.21 18.15 10.85
C GLY B 37 16.48 17.63 12.08
N GLU B 38 16.95 18.01 13.26
CA GLU B 38 16.42 17.46 14.50
C GLU B 38 15.68 18.47 15.36
N LYS B 39 15.92 19.75 15.12
CA LYS B 39 15.22 20.81 15.85
C LYS B 39 14.64 21.86 14.92
N GLY B 40 14.94 21.72 13.63
CA GLY B 40 14.41 22.63 12.62
C GLY B 40 12.93 22.42 12.41
N PRO B 41 12.33 23.20 11.51
CA PRO B 41 10.89 23.15 11.23
C PRO B 41 10.49 21.86 10.51
N CYS B 42 9.18 21.61 10.44
CA CYS B 42 8.64 20.42 9.78
C CYS B 42 7.94 20.84 8.50
N GLN B 43 8.37 20.32 7.36
CA GLN B 43 7.81 20.72 6.07
C GLN B 43 6.66 19.80 5.70
N ARG B 44 5.49 20.37 5.43
CA ARG B 44 4.30 19.58 5.10
C ARG B 44 4.53 18.62 3.93
N VAL B 45 4.07 17.38 4.09
CA VAL B 45 4.11 16.41 3.00
C VAL B 45 2.69 16.09 2.52
N VAL B 46 1.82 15.64 3.43
CA VAL B 46 0.41 15.36 3.14
C VAL B 46 -0.43 15.64 4.41
N SER B 47 -1.72 15.91 4.23
CA SER B 47 -2.62 16.00 5.38
C SER B 47 -3.97 15.33 5.10
N THR B 48 -4.85 15.32 6.10
CA THR B 48 -6.14 14.64 5.98
C THR B 48 -7.23 15.57 5.44
N HIS B 49 -6.87 16.80 5.08
CA HIS B 49 -7.89 17.68 4.51
C HIS B 49 -8.32 17.13 3.15
N ASN B 50 -9.62 17.17 2.86
CA ASN B 50 -10.16 16.71 1.59
C ASN B 50 -9.94 15.21 1.36
N LEU B 51 -9.75 14.47 2.46
CA LEU B 51 -9.42 13.05 2.38
C LEU B 51 -10.51 12.24 1.69
N TRP B 52 -11.76 12.61 1.91
CA TRP B 52 -12.89 11.94 1.27
C TRP B 52 -12.81 12.12 -0.25
N LEU B 53 -12.66 13.36 -0.69
CA LEU B 53 -12.64 13.66 -2.11
C LEU B 53 -11.39 13.13 -2.80
N LEU B 54 -10.30 12.98 -2.04
CA LEU B 54 -9.04 12.48 -2.60
C LEU B 54 -9.03 10.96 -2.62
N SER B 55 -10.20 10.35 -2.44
CA SER B 55 -10.32 8.89 -2.44
C SER B 55 -10.72 8.39 -3.82
N THR B 64 2.61 9.91 -1.64
CA THR B 64 2.34 9.55 -0.25
C THR B 64 0.83 9.56 0.02
N ALA B 65 0.33 8.45 0.55
CA ALA B 65 -1.08 8.31 0.88
C ALA B 65 -1.27 8.47 2.39
N ILE B 66 -2.49 8.79 2.79
CA ILE B 66 -2.79 8.93 4.21
C ILE B 66 -4.18 8.36 4.51
N THR B 67 -4.28 7.62 5.62
CA THR B 67 -5.53 7.03 6.10
C THR B 67 -5.68 7.37 7.58
N ASP B 68 -6.86 7.84 7.99
CA ASP B 68 -7.05 8.21 9.38
C ASP B 68 -8.24 7.47 10.01
N ASP B 69 -7.93 6.53 10.90
CA ASP B 69 -8.96 5.83 11.64
C ASP B 69 -9.26 6.64 12.89
N THR B 70 -10.26 7.51 12.80
CA THR B 70 -10.56 8.43 13.87
C THR B 70 -11.27 7.77 15.07
N LEU B 71 -11.91 6.63 14.83
CA LEU B 71 -12.62 5.91 15.89
C LEU B 71 -11.64 5.14 16.76
N GLY B 72 -10.65 4.54 16.11
CA GLY B 72 -9.65 3.76 16.81
C GLY B 72 -8.45 4.59 17.25
N GLY B 73 -8.23 5.71 16.58
CA GLY B 73 -7.07 6.55 16.91
C GLY B 73 -5.79 6.03 16.30
N THR B 74 -5.81 5.79 15.00
CA THR B 74 -4.59 5.40 14.31
C THR B 74 -4.45 6.11 12.97
N LEU B 75 -3.33 6.82 12.81
CA LEU B 75 -3.04 7.48 11.54
C LEU B 75 -2.04 6.63 10.77
N THR B 76 -2.33 6.34 9.51
CA THR B 76 -1.46 5.54 8.67
C THR B 76 -0.97 6.31 7.45
N ILE B 77 0.36 6.41 7.35
CA ILE B 77 0.97 7.08 6.22
C ILE B 77 1.61 6.00 5.34
N THR B 78 1.30 5.99 4.05
CA THR B 78 1.95 5.04 3.14
C THR B 78 2.85 5.76 2.16
N LEU B 79 4.15 5.49 2.25
CA LEU B 79 5.11 6.05 1.31
C LEU B 79 5.24 5.07 0.15
N ARG B 80 4.77 5.45 -1.02
CA ARG B 80 4.80 4.55 -2.17
C ARG B 80 6.09 4.72 -2.95
N ASN B 81 6.52 3.66 -3.61
CA ASN B 81 7.77 3.67 -4.35
C ASN B 81 8.87 4.34 -3.54
N LEU B 82 9.11 3.83 -2.32
CA LEU B 82 10.08 4.40 -1.40
C LEU B 82 11.45 4.53 -2.06
N GLN B 83 12.07 5.69 -1.93
CA GLN B 83 13.41 5.90 -2.46
C GLN B 83 14.37 6.41 -1.38
N PRO B 84 15.68 6.20 -1.56
CA PRO B 84 16.63 6.65 -0.54
C PRO B 84 16.47 8.14 -0.19
N HIS B 85 16.03 8.96 -1.14
CA HIS B 85 15.84 10.38 -0.84
C HIS B 85 14.70 10.64 0.14
N ASP B 86 13.87 9.62 0.35
CA ASP B 86 12.79 9.69 1.35
C ASP B 86 13.26 9.40 2.77
N ALA B 87 14.50 8.93 2.94
CA ALA B 87 15.00 8.64 4.28
C ALA B 87 15.03 9.92 5.12
N GLY B 88 14.89 9.77 6.43
CA GLY B 88 15.00 10.92 7.32
C GLY B 88 13.98 10.93 8.43
N LEU B 89 13.87 12.06 9.10
CA LEU B 89 13.00 12.17 10.26
C LEU B 89 11.74 12.91 9.91
N TYR B 90 10.62 12.32 10.32
CA TYR B 90 9.31 12.91 10.06
C TYR B 90 8.51 13.02 11.35
N GLN B 91 7.36 13.71 11.27
CA GLN B 91 6.40 13.74 12.38
C GLN B 91 4.99 13.46 11.88
N CYS B 92 4.22 12.71 12.68
CA CYS B 92 2.78 12.69 12.58
C CYS B 92 2.26 13.77 13.52
N GLN B 93 1.34 14.60 13.04
CA GLN B 93 0.85 15.75 13.79
C GLN B 93 -0.64 15.79 13.84
N SER B 94 -1.18 16.34 14.94
CA SER B 94 -2.59 16.66 15.06
C SER B 94 -2.72 18.19 15.01
N LEU B 95 -3.63 18.68 14.17
CA LEU B 95 -3.79 20.11 13.92
C LEU B 95 -5.02 20.71 14.61
N HIS B 96 -4.82 21.85 15.25
CA HIS B 96 -5.95 22.54 15.87
C HIS B 96 -5.63 24.02 15.98
N GLY B 97 -6.50 24.85 15.41
CA GLY B 97 -6.25 26.27 15.36
C GLY B 97 -4.94 26.54 14.64
N SER B 98 -4.05 27.27 15.30
CA SER B 98 -2.75 27.58 14.73
C SER B 98 -1.67 26.61 15.20
N GLU B 99 -2.07 25.61 15.98
CA GLU B 99 -1.10 24.71 16.60
C GLU B 99 -1.03 23.35 15.90
N ALA B 100 0.11 22.68 16.05
CA ALA B 100 0.28 21.32 15.57
C ALA B 100 0.93 20.50 16.68
N ASP B 101 0.21 19.51 17.20
CA ASP B 101 0.75 18.65 18.26
C ASP B 101 1.48 17.46 17.65
N THR B 102 2.72 17.21 18.07
CA THR B 102 3.43 16.02 17.62
C THR B 102 2.81 14.77 18.22
N LEU B 103 2.32 13.85 17.37
CA LEU B 103 1.79 12.57 17.82
C LEU B 103 2.88 11.52 17.86
N ARG B 104 3.78 11.57 16.88
CA ARG B 104 4.90 10.64 16.82
C ARG B 104 6.04 11.22 16.02
N LYS B 105 7.26 10.90 16.41
CA LYS B 105 8.44 11.20 15.59
C LYS B 105 8.91 9.89 15.01
N VAL B 106 9.17 9.89 13.70
CA VAL B 106 9.40 8.66 12.96
C VAL B 106 10.70 8.76 12.18
N LEU B 107 11.52 7.72 12.24
CA LEU B 107 12.69 7.60 11.38
C LEU B 107 12.33 6.69 10.22
N VAL B 108 12.39 7.21 9.00
CA VAL B 108 12.21 6.40 7.81
C VAL B 108 13.58 5.96 7.31
N GLU B 109 13.82 4.66 7.33
CA GLU B 109 15.10 4.10 6.94
C GLU B 109 14.86 3.31 5.68
N VAL B 110 15.66 3.57 4.66
CA VAL B 110 15.48 2.92 3.38
C VAL B 110 16.55 1.83 3.15
N LEU B 111 16.09 0.64 2.79
CA LEU B 111 16.99 -0.48 2.55
C LEU B 111 17.13 -0.69 1.05
N ALA B 112 18.33 -1.05 0.60
CA ALA B 112 18.59 -1.22 -0.82
C ALA B 112 19.69 -2.24 -1.06
#